data_4HQE
#
_entry.id   4HQE
#
_cell.length_a   48.189
_cell.length_b   48.189
_cell.length_c   156.807
_cell.angle_alpha   90.00
_cell.angle_beta   90.00
_cell.angle_gamma   90.00
#
_symmetry.space_group_name_H-M   'P 41'
#
loop_
_entity.id
_entity.type
_entity.pdbx_description
1 polymer 'Transcriptional regulator QsrR'
2 polymer "DNA (5'-D(*GP*GP*TP*AP*TP*AP*AP*TP*AP*AP*TP*TP*AP*TP*AP*CP*T)-3')"
3 polymer "DNA (5'-D(*AP*GP*TP*AP*TP*AP*AP*TP*TP*AP*TP*TP*AP*TP*AP*CP*C)-3')"
4 water water
#
loop_
_entity_poly.entity_id
_entity_poly.type
_entity_poly.pdbx_seq_one_letter_code
_entity_poly.pdbx_strand_id
1 'polypeptide(L)'
;SNAMMEVCPYLEETFKILGRSWNGLIINYLSRCNDCSAHFSDMKRDLKTITPRALSLKLSELAQWELVEKQIISTSPVQI
IYVLTEKGKALAEALHPIEAWAQSYVDLTDQRTAK
;
A,B
2 'polydeoxyribonucleotide' (DG)(DG)(DT)(DA)(DT)(DA)(DA)(DT)(DA)(DA)(DT)(DT)(DA)(DT)(DA)(DC)(DT) C
3 'polydeoxyribonucleotide' (DA)(DG)(DT)(DA)(DT)(DA)(DA)(DT)(DT)(DA)(DT)(DT)(DA)(DT)(DA)(DC)(DC) D
#
# COMPACT_ATOMS: atom_id res chain seq x y z
N MET A 4 11.54 19.90 -4.61
CA MET A 4 11.00 21.05 -3.87
C MET A 4 10.34 20.61 -2.56
N MET A 5 9.91 19.34 -2.53
CA MET A 5 9.37 18.69 -1.35
C MET A 5 9.40 17.19 -1.64
N GLU A 6 10.61 16.69 -1.90
CA GLU A 6 10.80 15.40 -2.55
C GLU A 6 10.19 14.22 -1.83
N VAL A 7 9.88 13.17 -2.60
CA VAL A 7 9.34 11.92 -2.08
C VAL A 7 10.48 10.91 -1.86
N CYS A 8 10.47 10.25 -0.70
CA CYS A 8 11.40 9.17 -0.41
C CYS A 8 11.33 8.07 -1.48
N PRO A 9 12.49 7.75 -2.09
CA PRO A 9 12.60 6.71 -3.11
C PRO A 9 12.29 5.34 -2.52
N TYR A 10 12.64 5.14 -1.24
CA TYR A 10 12.38 3.86 -0.57
C TYR A 10 10.90 3.64 -0.36
N LEU A 11 10.22 4.69 0.11
CA LEU A 11 8.77 4.62 0.23
C LEU A 11 8.18 4.35 -1.15
N GLU A 12 8.67 5.10 -2.13
CA GLU A 12 8.17 4.95 -3.50
C GLU A 12 8.29 3.51 -4.00
N GLU A 13 9.46 2.92 -3.77
CA GLU A 13 9.72 1.53 -4.11
C GLU A 13 8.79 0.59 -3.35
N THR A 14 8.55 0.88 -2.07
CA THR A 14 7.62 0.07 -1.27
C THR A 14 6.21 0.03 -1.88
N PHE A 15 5.73 1.17 -2.36
CA PHE A 15 4.41 1.19 -2.96
C PHE A 15 4.30 0.46 -4.28
N LYS A 16 5.44 0.13 -4.89
CA LYS A 16 5.38 -0.74 -6.06
C LYS A 16 4.81 -2.12 -5.69
N ILE A 17 5.00 -2.59 -4.45
CA ILE A 17 4.35 -3.83 -4.01
C ILE A 17 3.02 -3.60 -3.33
N LEU A 18 3.02 -2.70 -2.35
CA LEU A 18 1.81 -2.40 -1.57
C LEU A 18 0.74 -1.72 -2.40
N GLY A 19 1.15 -0.93 -3.40
CA GLY A 19 0.22 -0.14 -4.20
C GLY A 19 -0.30 -0.93 -5.37
N ARG A 20 -0.42 -2.25 -5.18
CA ARG A 20 -1.02 -3.13 -6.17
C ARG A 20 -2.00 -4.04 -5.45
N SER A 21 -2.89 -4.65 -6.23
CA SER A 21 -3.92 -5.52 -5.69
C SER A 21 -3.29 -6.71 -4.95
N TRP A 22 -3.94 -7.12 -3.86
CA TRP A 22 -3.64 -8.35 -3.11
C TRP A 22 -2.38 -8.41 -2.24
N ASN A 23 -1.32 -7.69 -2.59
CA ASN A 23 -0.03 -7.92 -1.92
C ASN A 23 -0.04 -7.69 -0.40
N GLY A 24 -0.67 -6.59 0.02
CA GLY A 24 -0.80 -6.30 1.45
C GLY A 24 -1.66 -7.34 2.15
N LEU A 25 -2.74 -7.75 1.50
CA LEU A 25 -3.63 -8.76 2.06
C LEU A 25 -2.94 -10.13 2.21
N ILE A 26 -2.14 -10.51 1.22
CA ILE A 26 -1.43 -11.81 1.29
C ILE A 26 -0.38 -11.80 2.42
N ILE A 27 0.35 -10.70 2.54
CA ILE A 27 1.42 -10.58 3.53
C ILE A 27 0.84 -10.59 4.96
N ASN A 28 -0.28 -9.91 5.12
CA ASN A 28 -0.99 -9.92 6.38
C ASN A 28 -1.57 -11.30 6.68
N TYR A 29 -2.17 -11.94 5.68
CA TYR A 29 -2.70 -13.29 5.86
C TYR A 29 -1.61 -14.24 6.32
N LEU A 30 -0.51 -14.29 5.57
CA LEU A 30 0.63 -15.13 5.93
C LEU A 30 1.19 -14.81 7.33
N SER A 31 1.06 -13.56 7.78
CA SER A 31 1.59 -13.21 9.11
C SER A 31 0.76 -13.80 10.24
N ARG A 32 -0.49 -14.15 9.95
CA ARG A 32 -1.39 -14.70 10.96
C ARG A 32 -1.60 -16.23 10.79
N CYS A 33 -0.79 -16.84 9.92
CA CYS A 33 -0.79 -18.31 9.76
C CYS A 33 0.25 -18.92 10.68
N ASN A 34 0.01 -20.16 11.11
CA ASN A 34 1.00 -20.85 11.93
C ASN A 34 2.33 -20.95 11.17
N ASP A 35 3.42 -20.58 11.84
CA ASP A 35 4.75 -20.48 11.20
C ASP A 35 4.81 -19.55 9.99
N CYS A 36 3.83 -18.64 9.88
CA CYS A 36 3.75 -17.69 8.76
C CYS A 36 3.80 -18.38 7.41
N SER A 37 3.16 -19.55 7.34
CA SER A 37 3.23 -20.45 6.21
C SER A 37 1.83 -20.86 5.79
N ALA A 38 1.63 -20.99 4.48
CA ALA A 38 0.38 -21.52 3.98
C ALA A 38 0.58 -22.17 2.63
N HIS A 39 -0.36 -23.05 2.29
CA HIS A 39 -0.41 -23.71 0.99
C HIS A 39 -1.23 -22.86 0.05
N PHE A 40 -1.07 -23.09 -1.25
CA PHE A 40 -1.80 -22.36 -2.29
C PHE A 40 -3.31 -22.31 -2.03
N SER A 41 -3.88 -23.48 -1.76
CA SER A 41 -5.33 -23.61 -1.65
C SER A 41 -5.85 -22.95 -0.37
N ASP A 42 -5.01 -22.91 0.66
CA ASP A 42 -5.31 -22.18 1.90
C ASP A 42 -5.57 -20.71 1.61
N MET A 43 -4.61 -20.07 0.94
CA MET A 43 -4.73 -18.67 0.59
C MET A 43 -5.92 -18.41 -0.33
N LYS A 44 -6.08 -19.26 -1.33
CA LYS A 44 -7.17 -19.11 -2.28
C LYS A 44 -8.54 -19.19 -1.57
N ARG A 45 -8.70 -20.15 -0.68
CA ARG A 45 -9.95 -20.29 0.06
C ARG A 45 -10.19 -19.09 0.98
N ASP A 46 -9.16 -18.67 1.70
CA ASP A 46 -9.29 -17.68 2.76
C ASP A 46 -9.34 -16.25 2.26
N LEU A 47 -8.80 -16.02 1.07
CA LEU A 47 -8.87 -14.70 0.44
C LEU A 47 -10.20 -14.50 -0.29
N LYS A 48 -11.03 -15.55 -0.31
CA LYS A 48 -12.44 -15.50 -0.73
C LYS A 48 -12.67 -15.36 -2.24
N THR A 49 -12.12 -14.30 -2.83
CA THR A 49 -12.46 -13.90 -4.20
C THR A 49 -11.26 -13.82 -5.14
N ILE A 50 -10.11 -14.31 -4.72
CA ILE A 50 -8.96 -14.26 -5.62
C ILE A 50 -8.97 -15.43 -6.60
N THR A 51 -8.66 -15.14 -7.85
CA THR A 51 -8.52 -16.20 -8.85
C THR A 51 -7.22 -16.93 -8.58
N PRO A 52 -7.13 -18.20 -9.00
CA PRO A 52 -5.87 -18.94 -8.88
C PRO A 52 -4.73 -18.28 -9.66
N ARG A 53 -5.04 -17.72 -10.83
CA ARG A 53 -4.00 -17.08 -11.63
C ARG A 53 -3.49 -15.78 -10.96
N ALA A 54 -4.40 -14.98 -10.42
CA ALA A 54 -3.97 -13.80 -9.67
C ALA A 54 -3.13 -14.21 -8.47
N LEU A 55 -3.58 -15.24 -7.74
CA LEU A 55 -2.80 -15.74 -6.60
C LEU A 55 -1.38 -16.17 -7.00
N SER A 56 -1.28 -16.99 -8.03
CA SER A 56 0.02 -17.46 -8.53
C SER A 56 0.94 -16.33 -8.97
N LEU A 57 0.38 -15.38 -9.71
CA LEU A 57 1.12 -14.20 -10.17
C LEU A 57 1.65 -13.41 -8.99
N LYS A 58 0.75 -13.11 -8.05
CA LYS A 58 1.12 -12.36 -6.86
C LYS A 58 2.17 -13.10 -6.02
N LEU A 59 2.03 -14.43 -5.90
CA LEU A 59 3.05 -15.18 -5.14
C LEU A 59 4.44 -15.12 -5.83
N SER A 60 4.46 -15.08 -7.16
CA SER A 60 5.74 -14.92 -7.91
C SER A 60 6.30 -13.52 -7.72
N GLU A 61 5.42 -12.53 -7.84
CA GLU A 61 5.74 -11.12 -7.54
C GLU A 61 6.39 -11.02 -6.14
N LEU A 62 5.76 -11.61 -5.12
CA LEU A 62 6.24 -11.51 -3.73
C LEU A 62 7.54 -12.26 -3.51
N ALA A 63 7.72 -13.34 -4.26
CA ALA A 63 8.97 -14.07 -4.21
C ALA A 63 10.12 -13.21 -4.77
N GLN A 64 9.87 -12.51 -5.87
CA GLN A 64 10.89 -11.63 -6.46
C GLN A 64 11.32 -10.58 -5.45
N TRP A 65 10.36 -10.05 -4.70
CA TRP A 65 10.67 -9.04 -3.66
C TRP A 65 11.28 -9.69 -2.43
N GLU A 66 11.43 -11.02 -2.48
CA GLU A 66 11.90 -11.82 -1.34
C GLU A 66 11.07 -11.58 -0.09
N LEU A 67 9.76 -11.44 -0.26
CA LEU A 67 8.83 -11.26 0.84
C LEU A 67 8.23 -12.60 1.29
N VAL A 68 7.93 -13.46 0.30
CA VAL A 68 7.39 -14.80 0.53
C VAL A 68 8.21 -15.81 -0.25
N GLU A 69 8.80 -16.77 0.45
CA GLU A 69 9.57 -17.84 -0.19
C GLU A 69 8.70 -19.03 -0.53
N LYS A 70 8.79 -19.49 -1.77
CA LYS A 70 8.15 -20.75 -2.16
C LYS A 70 9.09 -21.93 -1.88
N GLN A 71 8.74 -22.73 -0.88
CA GLN A 71 9.58 -23.83 -0.45
C GLN A 71 9.02 -25.16 -0.89
N ILE A 72 9.93 -26.06 -1.26
CA ILE A 72 9.54 -27.41 -1.64
C ILE A 72 9.94 -28.36 -0.52
N ILE A 73 8.97 -28.98 0.12
CA ILE A 73 9.27 -30.00 1.11
C ILE A 73 9.17 -31.36 0.44
N SER A 74 10.32 -31.98 0.16
CA SER A 74 10.36 -33.17 -0.68
C SER A 74 9.82 -34.44 -0.03
N THR A 75 8.73 -34.33 0.73
CA THR A 75 8.08 -35.50 1.34
C THR A 75 7.35 -36.38 0.32
N SER A 76 6.61 -37.36 0.84
CA SER A 76 6.19 -38.55 0.08
C SER A 76 5.21 -38.28 -1.05
N PRO A 77 4.13 -37.52 -0.77
CA PRO A 77 3.79 -36.56 -1.83
C PRO A 77 4.43 -35.20 -1.46
N VAL A 78 5.07 -34.55 -2.42
CA VAL A 78 5.71 -33.27 -2.17
C VAL A 78 4.70 -32.22 -1.66
N GLN A 79 5.09 -31.44 -0.66
CA GLN A 79 4.25 -30.32 -0.26
C GLN A 79 4.89 -29.02 -0.71
N ILE A 80 4.05 -28.11 -1.21
CA ILE A 80 4.53 -26.80 -1.60
C ILE A 80 4.01 -25.73 -0.63
N ILE A 81 4.94 -25.11 0.10
CA ILE A 81 4.57 -24.15 1.12
C ILE A 81 5.12 -22.74 0.82
N TYR A 82 4.27 -21.73 0.99
CA TYR A 82 4.70 -20.34 0.87
C TYR A 82 4.90 -19.76 2.25
N VAL A 83 6.05 -19.13 2.45
CA VAL A 83 6.51 -18.74 3.77
C VAL A 83 6.96 -17.29 3.80
N LEU A 84 6.37 -16.50 4.70
CA LEU A 84 6.79 -15.13 4.93
C LEU A 84 8.24 -15.11 5.43
N THR A 85 9.09 -14.35 4.74
CA THR A 85 10.47 -14.15 5.17
C THR A 85 10.52 -13.22 6.37
N GLU A 86 11.68 -13.09 7.01
CA GLU A 86 11.85 -12.11 8.09
C GLU A 86 11.56 -10.68 7.59
N LYS A 87 11.97 -10.39 6.35
CA LYS A 87 11.65 -9.13 5.69
C LYS A 87 10.14 -8.98 5.50
N GLY A 88 9.50 -10.05 5.03
CA GLY A 88 8.06 -10.10 4.95
C GLY A 88 7.37 -9.91 6.31
N LYS A 89 7.90 -10.56 7.36
CA LYS A 89 7.30 -10.43 8.70
C LYS A 89 7.37 -8.99 9.21
N ALA A 90 8.50 -8.34 8.94
CA ALA A 90 8.67 -6.94 9.33
C ALA A 90 7.63 -6.07 8.61
N LEU A 91 7.42 -6.34 7.31
CA LEU A 91 6.42 -5.58 6.57
C LEU A 91 5.02 -5.75 7.16
N ALA A 92 4.66 -7.00 7.48
CA ALA A 92 3.37 -7.31 8.08
C ALA A 92 3.15 -6.48 9.36
N GLU A 93 4.15 -6.50 10.24
CA GLU A 93 4.16 -5.71 11.47
C GLU A 93 3.90 -4.23 11.20
N ALA A 94 4.53 -3.73 10.15
CA ALA A 94 4.45 -2.31 9.79
C ALA A 94 3.09 -1.95 9.21
N LEU A 95 2.22 -2.94 9.06
CA LEU A 95 0.87 -2.73 8.54
C LEU A 95 -0.19 -2.66 9.62
N HIS A 96 0.19 -2.98 10.85
CA HIS A 96 -0.74 -2.90 11.98
C HIS A 96 -1.42 -1.53 12.17
N PRO A 97 -0.63 -0.43 12.17
CA PRO A 97 -1.29 0.88 12.36
C PRO A 97 -2.31 1.21 11.27
N ILE A 98 -2.13 0.67 10.07
CA ILE A 98 -3.11 0.83 8.98
C ILE A 98 -4.40 0.12 9.33
N GLU A 99 -4.26 -1.05 9.94
CA GLU A 99 -5.40 -1.90 10.31
C GLU A 99 -6.17 -1.27 11.47
N ALA A 100 -5.45 -0.61 12.35
CA ALA A 100 -6.07 0.15 13.45
C ALA A 100 -6.81 1.39 12.94
N TRP A 101 -6.26 2.02 11.90
CA TRP A 101 -6.89 3.18 11.28
C TRP A 101 -8.18 2.77 10.56
N ALA A 102 -8.14 1.63 9.87
CA ALA A 102 -9.32 1.08 9.21
C ALA A 102 -10.44 0.89 10.22
N GLN A 103 -10.10 0.34 11.39
CA GLN A 103 -11.07 0.08 12.45
C GLN A 103 -11.84 1.35 12.79
N SER A 104 -11.11 2.44 13.01
CA SER A 104 -11.69 3.71 13.48
C SER A 104 -12.41 4.55 12.43
N TYR A 105 -12.14 4.30 11.14
CA TYR A 105 -12.55 5.26 10.11
C TYR A 105 -13.37 4.69 8.96
N VAL A 106 -13.23 3.39 8.72
CA VAL A 106 -13.83 2.78 7.53
C VAL A 106 -15.24 2.27 7.80
N ASP A 107 -16.13 2.54 6.85
CA ASP A 107 -17.53 2.17 6.91
C ASP A 107 -17.97 1.67 5.51
N LEU A 108 -18.67 0.52 5.39
CA LEU A 108 -18.76 -0.58 6.37
C LEU A 108 -19.22 -0.25 7.79
N GLU B 6 -9.00 -15.72 9.24
CA GLU B 6 -9.49 -15.13 8.00
C GLU B 6 -9.53 -13.58 8.07
N VAL B 7 -9.83 -12.95 6.93
CA VAL B 7 -9.39 -11.58 6.64
C VAL B 7 -10.27 -10.42 7.14
N CYS B 8 -9.62 -9.44 7.78
CA CYS B 8 -10.29 -8.20 8.20
C CYS B 8 -10.85 -7.45 7.00
N PRO B 9 -12.18 -7.23 6.98
CA PRO B 9 -12.89 -6.58 5.87
C PRO B 9 -12.71 -5.06 5.90
N TYR B 10 -12.16 -4.55 7.00
CA TYR B 10 -11.82 -3.14 7.09
C TYR B 10 -10.47 -2.96 6.39
N LEU B 11 -9.57 -3.90 6.61
CA LEU B 11 -8.29 -3.91 5.93
C LEU B 11 -8.47 -4.15 4.42
N GLU B 12 -9.34 -5.08 4.07
CA GLU B 12 -9.72 -5.29 2.69
C GLU B 12 -10.15 -3.96 2.05
N GLU B 13 -11.03 -3.22 2.73
CA GLU B 13 -11.50 -1.95 2.21
C GLU B 13 -10.36 -0.92 2.06
N THR B 14 -9.49 -0.87 3.06
CA THR B 14 -8.35 0.06 3.06
C THR B 14 -7.39 -0.16 1.89
N PHE B 15 -7.31 -1.39 1.38
CA PHE B 15 -6.42 -1.65 0.26
C PHE B 15 -7.04 -1.33 -1.10
N LYS B 16 -8.37 -1.18 -1.12
CA LYS B 16 -9.07 -0.63 -2.29
C LYS B 16 -8.56 0.76 -2.69
N ILE B 17 -7.96 1.48 -1.75
CA ILE B 17 -7.29 2.75 -2.06
C ILE B 17 -5.78 2.61 -1.98
N LEU B 18 -5.30 1.96 -0.93
CA LEU B 18 -3.87 1.81 -0.73
C LEU B 18 -3.26 0.85 -1.74
N GLY B 19 -4.03 -0.15 -2.17
CA GLY B 19 -3.52 -1.16 -3.11
C GLY B 19 -3.73 -0.79 -4.56
N ARG B 20 -3.67 0.51 -4.85
CA ARG B 20 -3.75 1.04 -6.21
C ARG B 20 -2.60 2.02 -6.39
N SER B 21 -2.41 2.49 -7.62
CA SER B 21 -1.32 3.43 -7.90
C SER B 21 -1.52 4.79 -7.18
N TRP B 22 -0.41 5.34 -6.68
CA TRP B 22 -0.27 6.74 -6.28
C TRP B 22 -0.93 7.17 -4.97
N ASN B 23 -2.06 6.56 -4.62
CA ASN B 23 -2.82 6.96 -3.42
C ASN B 23 -1.97 7.13 -2.16
N GLY B 24 -1.20 6.09 -1.81
CA GLY B 24 -0.33 6.16 -0.65
C GLY B 24 0.68 7.28 -0.74
N LEU B 25 1.26 7.46 -1.92
CA LEU B 25 2.33 8.45 -2.12
C LEU B 25 1.76 9.86 -2.04
N ILE B 26 0.55 10.02 -2.57
CA ILE B 26 -0.13 11.32 -2.59
C ILE B 26 -0.53 11.74 -1.18
N ILE B 27 -1.15 10.84 -0.43
CA ILE B 27 -1.49 11.20 0.95
C ILE B 27 -0.23 11.41 1.83
N ASN B 28 0.83 10.64 1.58
CA ASN B 28 2.10 10.90 2.27
C ASN B 28 2.72 12.26 1.91
N TYR B 29 2.63 12.64 0.64
CA TYR B 29 3.17 13.92 0.19
C TYR B 29 2.39 15.09 0.81
N LEU B 30 1.06 14.98 0.84
CA LEU B 30 0.24 16.03 1.41
C LEU B 30 0.49 16.17 2.91
N SER B 31 0.73 15.05 3.58
CA SER B 31 0.92 15.06 5.04
C SER B 31 2.17 15.83 5.42
N ARG B 32 3.03 16.07 4.42
CA ARG B 32 4.31 16.69 4.65
C ARG B 32 4.32 18.16 4.22
N CYS B 33 3.30 18.57 3.48
CA CYS B 33 3.18 19.95 3.00
C CYS B 33 2.71 20.90 4.11
N ASN B 34 3.08 22.18 4.01
CA ASN B 34 2.48 23.19 4.91
C ASN B 34 0.95 23.10 4.86
N ASP B 35 0.33 23.04 6.04
CA ASP B 35 -1.12 22.97 6.16
C ASP B 35 -1.71 21.71 5.59
N CYS B 36 -0.83 20.76 5.23
CA CYS B 36 -1.21 19.55 4.51
C CYS B 36 -1.92 19.89 3.21
N SER B 37 -1.47 20.95 2.56
CA SER B 37 -2.11 21.37 1.32
C SER B 37 -1.12 21.64 0.21
N ALA B 38 -1.57 21.42 -1.02
CA ALA B 38 -0.74 21.72 -2.19
C ALA B 38 -1.65 21.93 -3.40
N HIS B 39 -1.09 22.62 -4.41
CA HIS B 39 -1.74 22.79 -5.70
C HIS B 39 -1.42 21.60 -6.60
N PHE B 40 -2.26 21.39 -7.61
CA PHE B 40 -2.13 20.32 -8.59
C PHE B 40 -0.70 20.24 -9.15
N SER B 41 -0.18 21.39 -9.57
CA SER B 41 1.20 21.55 -10.04
C SER B 41 2.29 21.22 -9.02
N ASP B 42 2.01 21.33 -7.72
CA ASP B 42 3.04 20.95 -6.73
C ASP B 42 3.19 19.44 -6.77
N MET B 43 2.06 18.75 -6.67
CA MET B 43 2.04 17.30 -6.65
C MET B 43 2.60 16.70 -7.94
N LYS B 44 2.21 17.28 -9.09
CA LYS B 44 2.78 16.80 -10.36
C LYS B 44 4.29 16.97 -10.38
N ARG B 45 4.76 18.18 -10.03
CA ARG B 45 6.19 18.41 -9.94
C ARG B 45 6.96 17.41 -9.03
N ASP B 46 6.51 17.22 -7.79
CA ASP B 46 7.30 16.50 -6.80
C ASP B 46 7.10 14.98 -6.83
N LEU B 47 6.01 14.53 -7.44
CA LEU B 47 5.77 13.10 -7.64
C LEU B 47 6.57 12.62 -8.87
N LYS B 48 7.01 13.58 -9.69
CA LYS B 48 8.02 13.38 -10.75
C LYS B 48 7.53 12.63 -11.99
N THR B 49 6.96 11.44 -11.79
CA THR B 49 6.60 10.60 -12.92
C THR B 49 5.10 10.33 -13.07
N ILE B 50 4.27 11.07 -12.33
CA ILE B 50 2.82 10.94 -12.47
C ILE B 50 2.30 11.84 -13.59
N THR B 51 1.40 11.30 -14.40
CA THR B 51 0.80 12.08 -15.48
C THR B 51 -0.38 12.89 -14.94
N PRO B 52 -0.65 14.06 -15.57
CA PRO B 52 -1.76 14.94 -15.17
C PRO B 52 -3.07 14.19 -15.10
N ARG B 53 -3.29 13.27 -16.05
CA ARG B 53 -4.52 12.49 -16.04
C ARG B 53 -4.57 11.56 -14.85
N ALA B 54 -3.44 10.93 -14.53
CA ALA B 54 -3.41 10.05 -13.36
C ALA B 54 -3.65 10.86 -12.07
N LEU B 55 -2.95 11.98 -11.96
CA LEU B 55 -3.08 12.84 -10.79
C LEU B 55 -4.51 13.32 -10.61
N SER B 56 -5.17 13.73 -11.68
CA SER B 56 -6.56 14.19 -11.62
C SER B 56 -7.52 13.10 -11.14
N LEU B 57 -7.38 11.90 -11.71
CA LEU B 57 -8.23 10.77 -11.32
C LEU B 57 -8.04 10.39 -9.85
N LYS B 58 -6.77 10.35 -9.41
CA LYS B 58 -6.48 9.95 -8.02
C LYS B 58 -7.06 10.95 -7.03
N LEU B 59 -6.86 12.24 -7.29
CA LEU B 59 -7.39 13.29 -6.42
C LEU B 59 -8.90 13.19 -6.28
N SER B 60 -9.55 12.78 -7.36
CA SER B 60 -11.01 12.70 -7.38
C SER B 60 -11.51 11.50 -6.60
N GLU B 61 -10.78 10.39 -6.71
CA GLU B 61 -11.12 9.22 -5.89
C GLU B 61 -10.82 9.48 -4.40
N LEU B 62 -9.70 10.14 -4.12
CA LEU B 62 -9.36 10.52 -2.75
C LEU B 62 -10.41 11.46 -2.14
N ALA B 63 -10.96 12.38 -2.95
CA ALA B 63 -12.07 13.24 -2.51
C ALA B 63 -13.34 12.46 -2.22
N GLN B 64 -13.63 11.44 -3.02
CA GLN B 64 -14.75 10.53 -2.78
C GLN B 64 -14.56 9.72 -1.50
N TRP B 65 -13.32 9.30 -1.24
CA TRP B 65 -13.00 8.57 -0.02
C TRP B 65 -12.92 9.53 1.18
N GLU B 66 -13.06 10.83 0.89
CA GLU B 66 -13.03 11.87 1.93
C GLU B 66 -11.70 11.92 2.68
N LEU B 67 -10.63 11.63 1.94
CA LEU B 67 -9.28 11.65 2.45
C LEU B 67 -8.61 12.96 2.05
N VAL B 68 -8.99 13.45 0.87
CA VAL B 68 -8.48 14.71 0.36
C VAL B 68 -9.64 15.64 0.03
N GLU B 69 -9.47 16.91 0.38
CA GLU B 69 -10.49 17.92 0.12
C GLU B 69 -10.01 18.88 -0.96
N LYS B 70 -10.84 19.05 -2.00
CA LYS B 70 -10.59 20.04 -3.04
C LYS B 70 -11.24 21.39 -2.66
N GLN B 71 -10.42 22.39 -2.37
CA GLN B 71 -10.90 23.69 -1.92
C GLN B 71 -10.74 24.76 -2.98
N ILE B 72 -11.84 25.45 -3.30
CA ILE B 72 -11.79 26.63 -4.17
C ILE B 72 -11.53 27.87 -3.30
N ILE B 73 -10.43 28.57 -3.53
CA ILE B 73 -10.09 29.73 -2.70
C ILE B 73 -10.35 31.02 -3.50
N SER B 74 -11.07 31.95 -2.89
CA SER B 74 -11.58 33.14 -3.59
C SER B 74 -10.58 34.29 -3.70
N THR B 75 -9.31 33.93 -3.88
CA THR B 75 -8.27 34.88 -4.22
C THR B 75 -8.44 35.34 -5.66
N SER B 76 -7.58 36.27 -6.08
CA SER B 76 -7.67 36.82 -7.43
C SER B 76 -6.31 36.78 -8.11
N PRO B 77 -6.10 35.80 -9.03
CA PRO B 77 -7.07 34.81 -9.49
C PRO B 77 -7.36 33.69 -8.49
N VAL B 78 -8.40 32.90 -8.80
CA VAL B 78 -8.83 31.79 -7.96
C VAL B 78 -7.73 30.72 -7.78
N GLN B 79 -7.64 30.21 -6.55
CA GLN B 79 -6.75 29.12 -6.27
C GLN B 79 -7.51 27.84 -5.99
N ILE B 80 -6.92 26.72 -6.38
CA ILE B 80 -7.50 25.42 -6.10
C ILE B 80 -6.47 24.63 -5.34
N ILE B 81 -6.76 24.34 -4.08
CA ILE B 81 -5.82 23.59 -3.26
C ILE B 81 -6.42 22.28 -2.82
N TYR B 82 -5.54 21.29 -2.67
CA TYR B 82 -5.91 19.97 -2.16
C TYR B 82 -5.34 19.87 -0.77
N VAL B 83 -6.18 19.45 0.18
CA VAL B 83 -5.86 19.52 1.59
C VAL B 83 -6.22 18.16 2.20
N LEU B 84 -5.33 17.58 3.00
CA LEU B 84 -5.69 16.33 3.71
C LEU B 84 -6.78 16.59 4.74
N THR B 85 -7.81 15.72 4.76
CA THR B 85 -8.76 15.74 5.86
C THR B 85 -8.10 15.15 7.11
N GLU B 86 -8.73 15.30 8.28
CA GLU B 86 -8.21 14.66 9.50
C GLU B 86 -8.11 13.16 9.28
N LYS B 87 -9.12 12.59 8.62
CA LYS B 87 -9.13 11.16 8.29
C LYS B 87 -7.93 10.77 7.42
N GLY B 88 -7.63 11.60 6.42
CA GLY B 88 -6.45 11.43 5.59
C GLY B 88 -5.15 11.62 6.35
N LYS B 89 -5.10 12.65 7.20
CA LYS B 89 -3.93 12.91 8.05
C LYS B 89 -3.64 11.73 8.99
N ALA B 90 -4.70 11.14 9.53
CA ALA B 90 -4.54 9.96 10.37
C ALA B 90 -3.96 8.77 9.55
N LEU B 91 -4.50 8.56 8.35
CA LEU B 91 -3.98 7.51 7.46
C LEU B 91 -2.49 7.75 7.17
N ALA B 92 -2.13 9.02 6.97
CA ALA B 92 -0.74 9.40 6.77
C ALA B 92 0.16 9.03 7.94
N GLU B 93 -0.35 9.22 9.16
CA GLU B 93 0.39 8.83 10.35
C GLU B 93 0.61 7.31 10.38
N ALA B 94 -0.44 6.57 10.05
CA ALA B 94 -0.40 5.10 9.99
C ALA B 94 0.63 4.54 8.98
N LEU B 95 1.19 5.40 8.12
CA LEU B 95 2.16 4.94 7.13
C LEU B 95 3.63 5.11 7.55
N HIS B 96 3.88 5.87 8.61
CA HIS B 96 5.26 6.05 9.07
C HIS B 96 6.07 4.75 9.22
N PRO B 97 5.51 3.73 9.87
CA PRO B 97 6.34 2.50 10.03
C PRO B 97 6.63 1.77 8.70
N ILE B 98 5.75 1.98 7.71
CA ILE B 98 6.03 1.57 6.33
C ILE B 98 7.28 2.28 5.79
N GLU B 99 7.31 3.60 5.99
CA GLU B 99 8.50 4.40 5.67
C GLU B 99 9.74 3.86 6.35
N ALA B 100 9.61 3.61 7.65
CA ALA B 100 10.70 3.06 8.46
C ALA B 100 11.15 1.70 7.89
N TRP B 101 10.20 0.81 7.64
CA TRP B 101 10.48 -0.48 7.02
C TRP B 101 11.23 -0.31 5.69
N ALA B 102 10.72 0.59 4.85
CA ALA B 102 11.31 0.94 3.55
C ALA B 102 12.78 1.37 3.62
N GLN B 103 13.15 2.15 4.63
CA GLN B 103 14.51 2.63 4.76
C GLN B 103 15.41 1.59 5.40
N SER B 104 14.81 0.64 6.11
CA SER B 104 15.58 -0.45 6.69
C SER B 104 15.84 -1.61 5.73
N TYR B 105 14.87 -1.94 4.89
CA TYR B 105 14.86 -3.21 4.17
C TYR B 105 14.96 -3.16 2.63
N VAL B 106 14.65 -2.00 2.05
CA VAL B 106 14.64 -1.86 0.60
C VAL B 106 16.01 -1.45 0.06
N ASP B 107 16.48 -2.17 -0.97
CA ASP B 107 17.71 -1.82 -1.65
C ASP B 107 17.35 -1.42 -3.07
N LEU B 108 17.60 -0.15 -3.41
CA LEU B 108 17.21 0.42 -4.68
C LEU B 108 18.00 -0.13 -5.87
N THR B 109 19.09 -0.83 -5.58
CA THR B 109 19.90 -1.44 -6.65
C THR B 109 19.38 -2.82 -7.03
N ASP B 110 18.45 -3.36 -6.26
CA ASP B 110 17.92 -4.69 -6.54
C ASP B 110 17.22 -4.78 -7.89
N GLN B 111 17.54 -5.83 -8.64
CA GLN B 111 16.90 -6.10 -9.92
C GLN B 111 15.88 -7.22 -9.74
N ARG B 112 14.75 -7.12 -10.43
CA ARG B 112 13.76 -8.19 -10.53
C ARG B 112 13.32 -8.29 -11.98
N THR B 113 12.72 -9.43 -12.33
CA THR B 113 11.96 -9.55 -13.58
C THR B 113 10.68 -8.71 -13.52
#